data_3VC4
#
_entry.id   3VC4
#
_cell.length_a   98.496
_cell.length_b   98.496
_cell.length_c   81.025
_cell.angle_alpha   90.00
_cell.angle_beta   90.00
_cell.angle_gamma   120.00
#
_symmetry.space_group_name_H-M   'P 65'
#
loop_
_entity.id
_entity.type
_entity.pdbx_description
1 polymer 'Serine/threonine-protein kinase pim-1'
2 non-polymer IMIDAZOLE
3 non-polymer (5Z)-5-[3-(trifluoromethyl)benzylidene]-1,3-thiazolidine-2,4-dione
4 water water
#
_entity_poly.entity_id   1
_entity_poly.type   'polypeptide(L)'
_entity_poly.pdbx_seq_one_letter_code
;MKEKEPLESQYQVGPLLGSGGFGSVYSGIRVSDNLPVAIKHVEKDRISDWGELPNGTRVPMEVVLLKKVSSGFSGVIRLL
DWFERPDSFVLILERPEPVQDLFDFITERGALQEELARSFFWQVLEAVRHCHNCGVLHRDIKDENILIDLNRGELKLIDF
GSGALLKDTVYTDFDGTRVYSPPEWIRYHRYHGRSAAVWSLGILLYDMVCGDIPFEHDEEIIRGQVFFRQRVSSECQHLI
RWCLALRPSDRPTFEEIQNHPWMQDVLLPQETAEIHLHSLSPGPSKAAALEHHHHHHHH
;
_entity_poly.pdbx_strand_id   A
#
loop_
_chem_comp.id
_chem_comp.type
_chem_comp.name
_chem_comp.formula
0FS non-polymer (5Z)-5-[3-(trifluoromethyl)benzylidene]-1,3-thiazolidine-2,4-dione 'C11 H6 F3 N O2 S'
IMD non-polymer IMIDAZOLE 'C3 H5 N2 1'
#
# COMPACT_ATOMS: atom_id res chain seq x y z
N PRO A 6 -27.94 13.98 -2.36
CA PRO A 6 -27.46 12.71 -1.81
C PRO A 6 -27.76 11.47 -2.72
N LEU A 7 -27.61 10.26 -2.15
CA LEU A 7 -27.80 8.92 -2.81
C LEU A 7 -27.08 8.61 -4.15
N GLU A 8 -26.67 7.36 -4.38
CA GLU A 8 -26.20 6.94 -5.73
C GLU A 8 -27.35 6.85 -6.74
N SER A 9 -27.57 7.98 -7.42
CA SER A 9 -27.99 8.09 -8.83
C SER A 9 -26.88 9.00 -9.48
N GLN A 10 -26.11 9.61 -8.57
CA GLN A 10 -24.79 10.20 -8.83
C GLN A 10 -23.77 9.33 -9.57
N TYR A 11 -23.82 8.01 -9.40
CA TYR A 11 -22.87 7.10 -10.02
C TYR A 11 -23.50 6.03 -10.92
N GLN A 12 -22.84 5.76 -12.03
CA GLN A 12 -23.14 4.63 -12.88
C GLN A 12 -22.11 3.48 -12.67
N VAL A 13 -22.55 2.52 -11.85
CA VAL A 13 -21.93 1.21 -11.61
C VAL A 13 -21.50 0.38 -12.83
N GLY A 14 -20.20 0.13 -12.95
CA GLY A 14 -19.67 -0.81 -13.93
C GLY A 14 -19.40 -2.17 -13.29
N PRO A 15 -18.41 -2.90 -13.84
CA PRO A 15 -18.08 -4.26 -13.48
C PRO A 15 -17.40 -4.37 -12.11
N LEU A 16 -17.62 -5.50 -11.43
CA LEU A 16 -16.89 -5.84 -10.24
C LEU A 16 -15.38 -5.86 -10.56
N LEU A 17 -14.58 -5.15 -9.77
CA LEU A 17 -13.13 -5.22 -9.96
C LEU A 17 -12.55 -6.32 -9.11
N GLY A 18 -13.15 -6.59 -7.96
CA GLY A 18 -12.72 -7.65 -7.08
C GLY A 18 -13.52 -7.71 -5.81
N SER A 19 -13.30 -8.77 -5.05
CA SER A 19 -13.94 -8.89 -3.77
C SER A 19 -13.02 -9.74 -2.89
N GLY A 20 -13.11 -9.53 -1.59
CA GLY A 20 -12.22 -10.21 -0.64
C GLY A 20 -12.44 -9.70 0.77
N GLY A 21 -11.39 -9.79 1.60
CA GLY A 21 -11.43 -9.34 3.01
C GLY A 21 -11.65 -7.83 3.14
N PHE A 22 -11.42 -7.10 2.04
CA PHE A 22 -11.65 -5.66 1.95
C PHE A 22 -13.10 -5.34 1.56
N GLY A 23 -13.89 -6.35 1.14
CA GLY A 23 -15.27 -6.14 0.62
C GLY A 23 -15.43 -6.41 -0.88
N SER A 24 -16.24 -5.59 -1.57
CA SER A 24 -16.51 -5.75 -3.01
C SER A 24 -16.33 -4.44 -3.67
N VAL A 25 -15.53 -4.37 -4.71
CA VAL A 25 -15.18 -3.06 -5.31
C VAL A 25 -15.62 -3.04 -6.76
N TYR A 26 -16.33 -2.00 -7.21
CA TYR A 26 -16.83 -1.95 -8.60
C TYR A 26 -16.21 -0.79 -9.31
N SER A 27 -15.97 -0.96 -10.61
CA SER A 27 -15.65 0.13 -11.50
C SER A 27 -16.91 0.94 -11.55
N GLY A 28 -16.78 2.27 -11.62
CA GLY A 28 -17.92 3.18 -11.65
C GLY A 28 -17.54 4.44 -12.39
N ILE A 29 -18.51 5.34 -12.50
CA ILE A 29 -18.32 6.62 -13.18
C ILE A 29 -19.25 7.61 -12.51
N ARG A 30 -18.74 8.79 -12.18
CA ARG A 30 -19.58 9.85 -11.61
C ARG A 30 -20.41 10.46 -12.74
N VAL A 31 -21.73 10.33 -12.65
CA VAL A 31 -22.64 10.71 -13.77
C VAL A 31 -22.47 12.21 -14.12
N SER A 32 -22.17 13.03 -13.11
CA SER A 32 -22.01 14.49 -13.22
C SER A 32 -20.75 15.05 -13.91
N ASP A 33 -19.85 14.20 -14.39
CA ASP A 33 -18.68 14.65 -15.18
C ASP A 33 -17.91 13.50 -15.79
N ASN A 34 -18.52 12.33 -15.81
CA ASN A 34 -17.88 11.08 -16.31
C ASN A 34 -16.49 10.73 -15.75
N LEU A 35 -16.22 11.20 -14.54
CA LEU A 35 -14.96 10.92 -13.84
C LEU A 35 -14.93 9.47 -13.41
N PRO A 36 -13.86 8.75 -13.74
CA PRO A 36 -13.74 7.36 -13.28
C PRO A 36 -13.68 7.29 -11.78
N VAL A 37 -14.46 6.42 -11.16
CA VAL A 37 -14.32 6.16 -9.74
C VAL A 37 -14.28 4.65 -9.45
N ALA A 38 -14.00 4.30 -8.21
CA ALA A 38 -14.13 2.93 -7.74
C ALA A 38 -15.12 3.04 -6.60
N ILE A 39 -16.05 2.09 -6.51
CA ILE A 39 -17.10 2.10 -5.55
C ILE A 39 -16.88 0.85 -4.72
N LYS A 40 -16.66 1.05 -3.43
CA LYS A 40 -16.23 0.03 -2.51
C LYS A 40 -17.25 -0.17 -1.39
N HIS A 41 -17.80 -1.38 -1.24
CA HIS A 41 -18.85 -1.63 -0.28
C HIS A 41 -18.24 -2.42 0.82
N VAL A 42 -18.35 -1.94 2.05
CA VAL A 42 -17.92 -2.68 3.24
C VAL A 42 -19.07 -3.07 4.19
N GLU A 43 -19.16 -4.34 4.55
CA GLU A 43 -20.23 -4.78 5.42
C GLU A 43 -19.94 -4.35 6.86
N LYS A 44 -20.97 -3.82 7.52
CA LYS A 44 -20.88 -3.37 8.91
C LYS A 44 -20.42 -4.48 9.83
N ASP A 45 -20.82 -5.71 9.52
CA ASP A 45 -20.43 -6.90 10.27
C ASP A 45 -18.92 -7.08 10.30
N ARG A 46 -18.22 -6.68 9.23
CA ARG A 46 -16.78 -6.88 9.12
C ARG A 46 -15.94 -5.66 9.47
N ILE A 47 -16.48 -4.76 10.28
CA ILE A 47 -15.69 -3.60 10.70
C ILE A 47 -15.44 -3.67 12.20
N SER A 48 -14.24 -4.11 12.56
CA SER A 48 -13.85 -4.21 13.95
C SER A 48 -13.44 -2.86 14.49
N ASP A 49 -13.11 -1.94 13.57
CA ASP A 49 -12.41 -0.68 13.88
C ASP A 49 -13.06 0.61 13.42
N TRP A 50 -13.51 1.41 14.37
CA TRP A 50 -14.30 2.60 14.10
C TRP A 50 -13.64 3.79 14.71
N GLY A 51 -13.85 4.94 14.09
CA GLY A 51 -13.43 6.18 14.70
C GLY A 51 -14.50 7.23 14.54
N GLU A 52 -14.08 8.48 14.65
CA GLU A 52 -14.95 9.60 14.38
C GLU A 52 -14.10 10.73 13.87
N LEU A 53 -14.67 11.57 13.02
CA LEU A 53 -13.89 12.48 12.16
C LEU A 53 -13.65 13.82 12.86
N PRO A 54 -13.04 14.81 12.15
CA PRO A 54 -13.13 16.14 12.78
C PRO A 54 -14.62 16.47 13.10
N ASN A 55 -15.50 16.40 12.08
CA ASN A 55 -16.97 16.47 12.23
C ASN A 55 -17.52 15.70 13.47
N GLY A 56 -17.06 14.47 13.66
CA GLY A 56 -17.36 13.70 14.85
C GLY A 56 -18.67 12.95 14.80
N THR A 57 -18.84 12.11 13.77
CA THR A 57 -19.86 11.02 13.75
C THR A 57 -19.11 9.67 13.82
N ARG A 58 -19.83 8.56 13.99
CA ARG A 58 -19.16 7.26 14.07
C ARG A 58 -19.05 6.62 12.67
N VAL A 59 -17.83 6.58 12.13
CA VAL A 59 -17.54 5.91 10.84
C VAL A 59 -16.46 4.81 10.98
N PRO A 60 -16.24 3.98 9.92
CA PRO A 60 -15.15 3.01 10.00
C PRO A 60 -13.80 3.72 10.03
N MET A 61 -12.86 3.15 10.75
CA MET A 61 -11.52 3.71 10.82
C MET A 61 -10.97 4.03 9.42
N GLU A 62 -11.26 3.16 8.47
CA GLU A 62 -10.82 3.37 7.11
C GLU A 62 -11.18 4.74 6.60
N VAL A 63 -12.39 5.17 6.94
CA VAL A 63 -12.88 6.46 6.41
C VAL A 63 -12.06 7.55 7.17
N VAL A 64 -11.91 7.39 8.47
CA VAL A 64 -11.13 8.37 9.23
C VAL A 64 -9.74 8.50 8.60
N LEU A 65 -9.07 7.36 8.37
CA LEU A 65 -7.69 7.37 7.82
C LEU A 65 -7.66 8.00 6.44
N LEU A 66 -8.63 7.68 5.61
CA LEU A 66 -8.65 8.21 4.22
C LEU A 66 -8.84 9.70 4.23
N LYS A 67 -9.67 10.20 5.14
CA LYS A 67 -9.83 11.67 5.21
C LYS A 67 -8.55 12.31 5.66
N LYS A 68 -7.83 11.67 6.58
CA LYS A 68 -6.54 12.24 7.04
C LYS A 68 -5.49 12.33 5.95
N VAL A 69 -5.55 11.45 4.95
CA VAL A 69 -4.56 11.51 3.89
C VAL A 69 -5.00 12.17 2.56
N SER A 70 -6.27 12.60 2.40
CA SER A 70 -6.69 13.22 1.11
C SER A 70 -5.90 14.48 0.87
N SER A 71 -5.45 14.63 -0.37
CA SER A 71 -4.83 15.85 -0.81
C SER A 71 -4.66 15.67 -2.31
N GLY A 72 -4.10 16.71 -2.93
CA GLY A 72 -3.78 16.66 -4.36
C GLY A 72 -2.58 15.75 -4.64
N PHE A 73 -1.77 15.45 -3.62
CA PHE A 73 -0.65 14.53 -3.77
C PHE A 73 -1.18 13.19 -4.27
N SER A 74 -0.69 12.77 -5.42
CA SER A 74 -1.32 11.66 -6.04
C SER A 74 -0.83 10.28 -5.60
N GLY A 75 0.06 10.18 -4.60
CA GLY A 75 0.68 8.86 -4.22
C GLY A 75 -0.18 8.00 -3.31
N VAL A 76 -1.27 8.59 -2.82
CA VAL A 76 -2.24 7.87 -2.00
C VAL A 76 -3.62 8.04 -2.63
N ILE A 77 -4.43 7.00 -2.63
CA ILE A 77 -5.79 7.08 -3.17
C ILE A 77 -6.59 8.21 -2.44
N ARG A 78 -7.33 9.02 -3.22
CA ARG A 78 -8.25 9.99 -2.62
C ARG A 78 -9.73 9.54 -2.49
N LEU A 79 -10.27 9.65 -1.29
CA LEU A 79 -11.68 9.40 -1.09
C LEU A 79 -12.46 10.58 -1.59
N LEU A 80 -13.29 10.38 -2.60
CA LEU A 80 -14.11 11.47 -3.15
C LEU A 80 -15.38 11.72 -2.37
N ASP A 81 -15.97 10.66 -1.82
CA ASP A 81 -17.21 10.70 -1.05
C ASP A 81 -17.42 9.38 -0.35
N TRP A 82 -18.42 9.31 0.52
CA TRP A 82 -18.85 8.06 1.17
C TRP A 82 -20.30 8.16 1.62
N PHE A 83 -20.95 7.02 1.80
CA PHE A 83 -22.39 6.95 2.06
C PHE A 83 -22.56 5.87 3.09
N GLU A 84 -23.47 6.04 4.03
CA GLU A 84 -23.86 4.93 4.90
C GLU A 84 -25.17 4.29 4.39
N ARG A 85 -25.31 2.98 4.58
CA ARG A 85 -26.49 2.21 4.22
C ARG A 85 -26.86 1.42 5.46
N PRO A 86 -28.09 0.85 5.49
CA PRO A 86 -28.41 0.27 6.79
C PRO A 86 -27.44 -0.86 7.19
N ASP A 87 -26.90 -1.62 6.23
CA ASP A 87 -25.94 -2.70 6.61
C ASP A 87 -24.49 -2.61 6.10
N SER A 88 -24.15 -1.45 5.53
CA SER A 88 -22.86 -1.31 4.89
C SER A 88 -22.49 0.18 4.73
N PHE A 89 -21.20 0.45 4.51
CA PHE A 89 -20.74 1.77 4.07
C PHE A 89 -20.29 1.61 2.66
N VAL A 90 -20.56 2.62 1.83
CA VAL A 90 -20.10 2.62 0.46
C VAL A 90 -19.09 3.77 0.30
N LEU A 91 -17.97 3.54 -0.38
CA LEU A 91 -16.92 4.58 -0.48
C LEU A 91 -16.66 4.81 -1.92
N ILE A 92 -16.43 6.07 -2.30
CA ILE A 92 -16.17 6.41 -3.68
C ILE A 92 -14.73 6.86 -3.69
N LEU A 93 -13.92 6.29 -4.55
CA LEU A 93 -12.47 6.53 -4.57
C LEU A 93 -12.14 6.90 -5.99
N GLU A 94 -11.10 7.68 -6.17
CA GLU A 94 -10.66 8.03 -7.52
C GLU A 94 -10.20 6.80 -8.27
N ARG A 95 -10.28 6.78 -9.57
CA ARG A 95 -9.79 5.61 -10.28
C ARG A 95 -9.03 6.07 -11.48
N PRO A 96 -7.73 5.85 -11.46
CA PRO A 96 -6.88 6.12 -12.63
C PRO A 96 -7.23 5.15 -13.74
N GLU A 97 -6.95 5.52 -14.97
CA GLU A 97 -7.37 4.71 -16.11
C GLU A 97 -6.52 5.16 -17.25
N PRO A 98 -5.82 4.23 -17.93
CA PRO A 98 -5.68 2.79 -17.63
C PRO A 98 -4.83 2.51 -16.37
N VAL A 99 -5.17 1.44 -15.67
CA VAL A 99 -4.56 1.05 -14.44
C VAL A 99 -4.28 -0.47 -14.29
N GLN A 100 -3.27 -0.81 -13.51
CA GLN A 100 -2.94 -2.22 -13.22
C GLN A 100 -2.28 -2.27 -11.82
N ASP A 101 -2.69 -3.20 -10.98
CA ASP A 101 -2.06 -3.33 -9.68
C ASP A 101 -0.64 -3.95 -9.75
N LEU A 102 0.15 -3.75 -8.71
CA LEU A 102 1.57 -4.08 -8.87
C LEU A 102 1.69 -5.61 -8.84
N PHE A 103 0.79 -6.27 -8.13
CA PHE A 103 0.75 -7.75 -8.13
C PHE A 103 0.56 -8.34 -9.56
N ASP A 104 -0.47 -7.87 -10.24
CA ASP A 104 -0.67 -8.28 -11.66
C ASP A 104 0.48 -7.92 -12.57
N PHE A 105 1.04 -6.72 -12.40
CA PHE A 105 2.18 -6.31 -13.23
C PHE A 105 3.38 -7.23 -13.01
N ILE A 106 3.61 -7.60 -11.77
CA ILE A 106 4.65 -8.56 -11.48
C ILE A 106 4.33 -9.99 -12.03
N THR A 107 3.08 -10.45 -11.89
CA THR A 107 2.62 -11.70 -12.59
C THR A 107 2.94 -11.70 -14.10
N GLU A 108 2.62 -10.61 -14.80
CA GLU A 108 2.93 -10.43 -16.22
C GLU A 108 4.42 -10.39 -16.55
N ARG A 109 5.20 -9.52 -15.87
CA ARG A 109 6.58 -9.24 -16.27
C ARG A 109 7.63 -9.98 -15.47
N GLY A 110 7.22 -10.66 -14.40
CA GLY A 110 8.17 -11.31 -13.48
C GLY A 110 9.10 -10.34 -12.76
N ALA A 111 10.31 -10.77 -12.39
CA ALA A 111 11.20 -9.91 -11.63
C ALA A 111 11.39 -8.62 -12.43
N LEU A 112 11.36 -7.45 -11.78
CA LEU A 112 11.55 -6.16 -12.47
C LEU A 112 13.03 -5.73 -12.60
N GLN A 113 13.35 -5.10 -13.69
CA GLN A 113 14.67 -4.43 -13.78
C GLN A 113 14.85 -3.48 -12.57
N GLU A 114 16.08 -3.43 -12.06
CA GLU A 114 16.38 -2.57 -10.92
C GLU A 114 15.99 -1.08 -11.10
N GLU A 115 16.23 -0.52 -12.27
CA GLU A 115 15.88 0.88 -12.52
C GLU A 115 14.38 1.12 -12.31
N LEU A 116 13.60 0.15 -12.75
CA LEU A 116 12.16 0.22 -12.61
C LEU A 116 11.73 -0.01 -11.18
N ALA A 117 12.28 -1.03 -10.51
CA ALA A 117 12.01 -1.28 -9.11
C ALA A 117 12.42 -0.07 -8.24
N ARG A 118 13.55 0.59 -8.57
CA ARG A 118 14.04 1.80 -7.87
C ARG A 118 12.96 2.88 -7.96
N SER A 119 12.47 3.09 -9.17
CA SER A 119 11.45 4.12 -9.42
C SER A 119 10.18 3.86 -8.66
N PHE A 120 9.71 2.58 -8.65
CA PHE A 120 8.44 2.21 -8.01
C PHE A 120 8.58 2.28 -6.48
N PHE A 121 9.70 1.74 -5.99
CA PHE A 121 9.96 1.69 -4.57
C PHE A 121 10.11 3.09 -4.00
N TRP A 122 10.89 3.95 -4.64
CA TRP A 122 10.92 5.39 -4.25
C TRP A 122 9.53 6.01 -4.15
N GLN A 123 8.68 5.74 -5.12
CA GLN A 123 7.34 6.32 -5.09
C GLN A 123 6.55 5.74 -3.97
N VAL A 124 6.85 4.47 -3.63
CA VAL A 124 6.17 3.89 -2.47
C VAL A 124 6.65 4.56 -1.17
N LEU A 125 7.96 4.71 -0.99
CA LEU A 125 8.48 5.47 0.11
C LEU A 125 7.76 6.82 0.26
N GLU A 126 7.63 7.59 -0.84
CA GLU A 126 6.99 8.94 -0.79
C GLU A 126 5.56 8.88 -0.24
N ALA A 127 4.80 7.89 -0.75
CA ALA A 127 3.44 7.63 -0.29
C ALA A 127 3.28 7.33 1.21
N VAL A 128 4.15 6.46 1.71
CA VAL A 128 4.12 5.99 3.05
C VAL A 128 4.55 7.13 4.01
N ARG A 129 5.55 7.92 3.59
CA ARG A 129 5.98 9.12 4.34
C ARG A 129 4.85 10.09 4.43
N HIS A 130 4.16 10.33 3.31
CA HIS A 130 2.93 11.11 3.36
C HIS A 130 1.94 10.59 4.35
N CYS A 131 1.68 9.28 4.37
CA CYS A 131 0.71 8.75 5.33
C CYS A 131 1.21 9.01 6.78
N HIS A 132 2.50 8.76 7.05
CA HIS A 132 2.99 8.87 8.41
C HIS A 132 2.92 10.30 8.92
N ASN A 133 3.34 11.18 8.07
CA ASN A 133 3.02 12.61 8.15
C ASN A 133 1.62 13.08 8.49
N CYS A 134 0.58 12.35 8.04
CA CYS A 134 -0.83 12.70 8.29
C CYS A 134 -1.28 11.96 9.51
N GLY A 135 -0.35 11.28 10.17
CA GLY A 135 -0.67 10.54 11.42
C GLY A 135 -1.32 9.19 11.14
N VAL A 136 -1.06 8.61 9.94
CA VAL A 136 -1.70 7.33 9.55
C VAL A 136 -0.68 6.20 9.31
N LEU A 137 -0.97 5.03 9.85
CA LEU A 137 -0.12 3.88 9.62
C LEU A 137 -0.91 2.89 8.76
N HIS A 138 -0.46 2.63 7.51
CA HIS A 138 -1.16 1.76 6.55
C HIS A 138 -1.36 0.30 7.01
N ARG A 139 -0.26 -0.34 7.43
CA ARG A 139 -0.23 -1.65 8.04
C ARG A 139 -0.52 -2.80 7.04
N ASP A 140 -0.62 -2.50 5.75
CA ASP A 140 -0.76 -3.58 4.76
C ASP A 140 -0.04 -3.26 3.46
N ILE A 141 1.19 -2.77 3.52
CA ILE A 141 1.89 -2.36 2.34
C ILE A 141 2.26 -3.66 1.61
N LYS A 142 1.90 -3.78 0.33
CA LYS A 142 2.23 -4.99 -0.45
C LYS A 142 1.83 -4.68 -1.86
N ASP A 143 2.29 -5.49 -2.82
CA ASP A 143 2.00 -5.23 -4.22
C ASP A 143 0.53 -5.22 -4.59
N GLU A 144 -0.34 -6.01 -3.93
CA GLU A 144 -1.80 -5.97 -4.21
C GLU A 144 -2.42 -4.63 -3.80
N ASN A 145 -1.77 -3.86 -2.91
CA ASN A 145 -2.31 -2.57 -2.49
C ASN A 145 -1.62 -1.43 -3.12
N ILE A 146 -1.06 -1.67 -4.31
CA ILE A 146 -0.39 -0.62 -5.07
C ILE A 146 -0.94 -0.67 -6.52
N LEU A 147 -1.43 0.49 -6.99
CA LEU A 147 -1.91 0.71 -8.34
C LEU A 147 -0.89 1.49 -9.10
N ILE A 148 -0.69 1.12 -10.35
CA ILE A 148 0.18 1.78 -11.28
C ILE A 148 -0.73 2.59 -12.26
N ASP A 149 -0.55 3.90 -12.37
CA ASP A 149 -1.28 4.66 -13.42
C ASP A 149 -0.38 4.49 -14.64
N LEU A 150 -0.80 3.64 -15.55
CA LEU A 150 0.09 3.24 -16.66
C LEU A 150 0.45 4.36 -17.66
N ASN A 151 -0.29 5.46 -17.69
CA ASN A 151 0.01 6.51 -18.62
C ASN A 151 1.06 7.41 -18.03
N ARG A 152 0.89 7.69 -16.73
CA ARG A 152 1.78 8.65 -16.05
C ARG A 152 2.95 8.00 -15.27
N GLY A 153 2.87 6.69 -15.04
CA GLY A 153 3.94 5.96 -14.31
C GLY A 153 3.97 6.31 -12.81
N GLU A 154 2.80 6.64 -12.26
CA GLU A 154 2.65 7.09 -10.86
C GLU A 154 1.98 5.95 -10.13
N LEU A 155 2.54 5.62 -8.98
CA LEU A 155 1.98 4.58 -8.16
C LEU A 155 1.08 5.22 -7.16
N LYS A 156 0.14 4.42 -6.65
CA LYS A 156 -0.84 4.84 -5.72
C LYS A 156 -1.03 3.78 -4.67
N LEU A 157 -0.85 4.15 -3.41
CA LEU A 157 -1.14 3.25 -2.33
C LEU A 157 -2.64 3.24 -2.06
N ILE A 158 -3.20 2.06 -1.80
CA ILE A 158 -4.65 1.91 -1.72
C ILE A 158 -4.96 0.99 -0.59
N ASP A 159 -6.23 0.99 -0.16
CA ASP A 159 -6.79 0.04 0.79
C ASP A 159 -6.31 0.24 2.23
N PHE A 160 -6.99 1.15 2.94
CA PHE A 160 -6.61 1.47 4.29
C PHE A 160 -7.44 0.69 5.27
N GLY A 161 -8.05 -0.41 4.82
CA GLY A 161 -9.00 -1.09 5.70
C GLY A 161 -8.33 -1.84 6.82
N SER A 162 -6.98 -1.82 6.85
CA SER A 162 -6.28 -2.49 7.96
C SER A 162 -5.42 -1.49 8.79
N GLY A 163 -5.49 -0.21 8.44
CA GLY A 163 -4.56 0.83 8.94
C GLY A 163 -4.93 1.26 10.35
N ALA A 164 -4.15 2.18 10.93
CA ALA A 164 -4.51 2.73 12.26
C ALA A 164 -3.91 4.11 12.34
N LEU A 165 -4.35 4.88 13.33
CA LEU A 165 -3.72 6.15 13.63
C LEU A 165 -2.30 5.79 13.99
N LEU A 166 -1.34 6.56 13.48
CA LEU A 166 0.04 6.39 13.95
C LEU A 166 0.15 6.80 15.43
N LYS A 167 0.91 6.04 16.19
CA LYS A 167 1.25 6.34 17.59
C LYS A 167 2.68 5.77 17.87
N ASP A 168 3.23 6.11 19.04
CA ASP A 168 4.65 5.85 19.33
C ASP A 168 4.80 4.73 20.31
N THR A 169 3.67 4.25 20.84
CA THR A 169 3.58 3.09 21.73
C THR A 169 3.32 1.79 20.92
N VAL A 170 3.26 0.66 21.62
CA VAL A 170 3.30 -0.64 20.96
C VAL A 170 1.92 -0.95 20.39
N TYR A 171 1.89 -1.60 19.22
CA TYR A 171 0.63 -2.18 18.74
C TYR A 171 0.64 -3.64 19.14
N THR A 172 -0.51 -4.11 19.61
CA THR A 172 -0.65 -5.48 19.96
C THR A 172 -1.81 -6.09 19.13
N ASP A 173 -2.28 -5.40 18.09
CA ASP A 173 -3.32 -5.93 17.21
C ASP A 173 -2.83 -5.80 15.78
N PHE A 174 -3.30 -6.68 14.86
CA PHE A 174 -2.90 -6.60 13.44
C PHE A 174 -3.87 -7.33 12.51
N ASP A 175 -4.35 -6.75 11.41
CA ASP A 175 -5.23 -7.52 10.52
C ASP A 175 -4.82 -7.34 9.08
N GLY A 176 -3.54 -7.13 8.88
CA GLY A 176 -3.00 -6.98 7.50
C GLY A 176 -2.45 -8.29 6.98
N THR A 177 -1.42 -8.27 6.12
CA THR A 177 -0.98 -9.49 5.51
C THR A 177 0.17 -10.21 6.22
N ARG A 178 -0.08 -11.45 6.60
CA ARG A 178 0.86 -12.17 7.47
C ARG A 178 2.28 -12.25 6.93
N VAL A 179 2.43 -12.68 5.68
CA VAL A 179 3.76 -12.88 5.06
C VAL A 179 4.53 -11.60 4.88
N TYR A 180 3.91 -10.47 5.16
CA TYR A 180 4.59 -9.17 5.13
C TYR A 180 4.76 -8.60 6.54
N SER A 181 4.28 -9.34 7.54
CA SER A 181 4.30 -8.90 8.95
C SER A 181 5.66 -9.23 9.64
N PRO A 182 6.16 -8.40 10.58
CA PRO A 182 7.53 -8.63 11.04
C PRO A 182 7.73 -9.81 12.03
N PRO A 183 8.98 -10.19 12.30
CA PRO A 183 9.24 -11.27 13.23
C PRO A 183 8.63 -11.00 14.59
N GLU A 184 8.75 -9.75 15.09
CA GLU A 184 8.15 -9.36 16.40
C GLU A 184 6.62 -9.50 16.45
N TRP A 185 5.91 -9.31 15.33
CA TRP A 185 4.46 -9.56 15.37
C TRP A 185 4.32 -11.08 15.51
N ILE A 186 5.05 -11.84 14.67
CA ILE A 186 4.87 -13.33 14.64
C ILE A 186 5.09 -13.95 16.04
N ARG A 187 6.20 -13.61 16.69
CA ARG A 187 6.63 -14.18 17.97
C ARG A 187 5.95 -13.60 19.19
N TYR A 188 5.69 -12.28 19.21
CA TYR A 188 5.24 -11.59 20.44
C TYR A 188 3.89 -10.89 20.32
N HIS A 189 3.35 -10.86 19.10
CA HIS A 189 2.18 -10.07 18.84
C HIS A 189 2.41 -8.63 19.36
N ARG A 190 3.58 -8.06 19.04
CA ARG A 190 3.91 -6.67 19.39
C ARG A 190 4.83 -6.12 18.35
N TYR A 191 4.56 -4.89 17.93
CA TYR A 191 5.45 -4.16 17.02
C TYR A 191 5.26 -2.64 17.23
N HIS A 192 6.16 -1.83 16.72
CA HIS A 192 5.96 -0.39 16.64
C HIS A 192 5.71 -0.05 15.16
N GLY A 193 5.07 1.08 14.88
CA GLY A 193 4.55 1.36 13.55
C GLY A 193 5.60 1.47 12.46
N ARG A 194 6.61 2.31 12.65
CA ARG A 194 7.60 2.58 11.64
C ARG A 194 8.40 1.39 11.29
N SER A 195 8.90 0.71 12.32
CA SER A 195 9.80 -0.40 12.04
C SER A 195 9.02 -1.62 11.42
N ALA A 196 7.77 -1.83 11.78
CA ALA A 196 6.98 -2.89 11.18
C ALA A 196 6.81 -2.43 9.76
N ALA A 197 6.66 -1.09 9.53
CA ALA A 197 6.39 -0.66 8.11
C ALA A 197 7.62 -0.86 7.23
N VAL A 198 8.78 -0.60 7.83
CA VAL A 198 10.04 -0.81 7.16
C VAL A 198 10.27 -2.28 6.77
N TRP A 199 9.94 -3.25 7.62
CA TRP A 199 10.05 -4.67 7.26
C TRP A 199 9.16 -4.98 6.05
N SER A 200 7.94 -4.50 6.01
CA SER A 200 7.06 -4.82 4.90
C SER A 200 7.57 -4.16 3.62
N LEU A 201 8.22 -3.01 3.76
CA LEU A 201 8.92 -2.43 2.62
C LEU A 201 10.09 -3.28 2.16
N GLY A 202 10.80 -3.90 3.09
CA GLY A 202 11.80 -4.90 2.61
C GLY A 202 11.19 -6.09 1.84
N ILE A 203 10.06 -6.61 2.31
CA ILE A 203 9.39 -7.70 1.61
C ILE A 203 9.03 -7.20 0.24
N LEU A 204 8.43 -5.99 0.21
CA LEU A 204 7.97 -5.46 -1.05
C LEU A 204 9.15 -5.29 -1.99
N LEU A 205 10.29 -4.74 -1.52
CA LEU A 205 11.33 -4.49 -2.50
C LEU A 205 11.90 -5.85 -3.02
N TYR A 206 12.05 -6.84 -2.12
CA TYR A 206 12.48 -8.20 -2.51
C TYR A 206 11.52 -8.68 -3.60
N ASP A 207 10.21 -8.65 -3.34
CA ASP A 207 9.18 -9.01 -4.30
C ASP A 207 9.38 -8.38 -5.69
N MET A 208 9.66 -7.08 -5.74
CA MET A 208 9.84 -6.43 -6.99
C MET A 208 11.06 -6.98 -7.70
N VAL A 209 12.15 -7.16 -6.98
CA VAL A 209 13.35 -7.48 -7.74
C VAL A 209 13.49 -9.02 -8.00
N CYS A 210 12.78 -9.83 -7.24
CA CYS A 210 12.93 -11.27 -7.39
C CYS A 210 11.68 -11.86 -8.02
N GLY A 211 10.56 -11.12 -8.03
CA GLY A 211 9.37 -11.63 -8.71
C GLY A 211 8.43 -12.37 -7.78
N ASP A 212 8.79 -12.48 -6.51
CA ASP A 212 7.99 -13.13 -5.48
C ASP A 212 8.53 -12.72 -4.11
N ILE A 213 7.75 -12.97 -3.07
CA ILE A 213 8.13 -12.61 -1.73
C ILE A 213 9.14 -13.62 -1.19
N PRO A 214 9.97 -13.25 -0.19
CA PRO A 214 11.02 -14.15 0.28
C PRO A 214 10.52 -15.31 1.16
N PHE A 215 9.44 -15.06 1.92
CA PHE A 215 9.08 -15.92 3.05
C PHE A 215 7.65 -16.29 2.88
N GLU A 216 7.35 -17.55 3.10
CA GLU A 216 5.95 -18.01 3.07
C GLU A 216 5.51 -18.41 4.48
N HIS A 217 6.41 -18.94 5.28
CA HIS A 217 6.03 -19.55 6.55
C HIS A 217 6.59 -18.77 7.74
N ASP A 218 5.87 -18.85 8.87
CA ASP A 218 6.29 -18.24 10.13
C ASP A 218 7.75 -18.45 10.47
N GLU A 219 8.21 -19.69 10.31
CA GLU A 219 9.58 -20.09 10.59
C GLU A 219 10.59 -19.29 9.78
N GLU A 220 10.31 -19.10 8.49
CA GLU A 220 11.21 -18.34 7.60
C GLU A 220 11.28 -16.88 8.01
N ILE A 221 10.13 -16.28 8.35
CA ILE A 221 10.05 -14.88 8.82
C ILE A 221 10.91 -14.76 10.07
N ILE A 222 10.69 -15.64 11.04
CA ILE A 222 11.40 -15.56 12.30
C ILE A 222 12.91 -15.70 12.03
N ARG A 223 13.28 -16.62 11.12
CA ARG A 223 14.70 -16.82 10.86
C ARG A 223 15.34 -15.58 10.17
N GLY A 224 14.58 -14.92 9.31
CA GLY A 224 15.07 -13.73 8.61
C GLY A 224 16.23 -13.89 7.65
N GLN A 225 16.50 -15.12 7.22
CA GLN A 225 17.64 -15.37 6.32
C GLN A 225 17.16 -15.17 4.87
N VAL A 226 17.85 -14.35 4.12
CA VAL A 226 17.32 -14.00 2.81
C VAL A 226 18.14 -14.65 1.70
N PHE A 227 17.50 -15.44 0.84
CA PHE A 227 18.13 -16.04 -0.31
C PHE A 227 17.61 -15.35 -1.56
N PHE A 228 18.52 -14.91 -2.41
CA PHE A 228 18.20 -14.27 -3.67
C PHE A 228 18.20 -15.24 -4.80
N ARG A 229 17.06 -15.34 -5.47
CA ARG A 229 16.85 -16.34 -6.52
C ARG A 229 17.03 -15.77 -7.92
N GLN A 230 17.26 -14.45 -8.04
CA GLN A 230 17.54 -13.76 -9.29
C GLN A 230 18.82 -12.97 -9.12
N ARG A 231 19.38 -12.53 -10.24
CA ARG A 231 20.53 -11.69 -10.13
C ARG A 231 20.07 -10.32 -9.60
N VAL A 232 20.64 -9.91 -8.48
CA VAL A 232 20.34 -8.62 -7.87
C VAL A 232 21.65 -8.00 -7.34
N SER A 233 21.91 -6.75 -7.71
CA SER A 233 23.14 -6.03 -7.32
C SER A 233 23.33 -6.10 -5.85
N SER A 234 24.58 -5.99 -5.45
CA SER A 234 24.97 -6.00 -4.04
C SER A 234 24.36 -4.83 -3.24
N GLU A 235 24.20 -3.68 -3.90
CA GLU A 235 23.63 -2.51 -3.23
C GLU A 235 22.14 -2.78 -2.91
N CYS A 236 21.45 -3.39 -3.86
CA CYS A 236 20.08 -3.75 -3.64
C CYS A 236 19.90 -4.79 -2.59
N GLN A 237 20.67 -5.88 -2.63
CA GLN A 237 20.55 -6.93 -1.56
C GLN A 237 20.82 -6.36 -0.15
N HIS A 238 21.81 -5.50 -0.05
CA HIS A 238 22.15 -4.81 1.21
C HIS A 238 20.95 -3.98 1.75
N LEU A 239 20.30 -3.21 0.88
CA LEU A 239 19.13 -2.40 1.33
C LEU A 239 18.04 -3.31 1.85
N ILE A 240 17.76 -4.35 1.08
CA ILE A 240 16.74 -5.35 1.48
C ILE A 240 17.10 -5.99 2.79
N ARG A 241 18.34 -6.42 2.93
CA ARG A 241 18.71 -7.19 4.12
C ARG A 241 18.63 -6.22 5.32
N TRP A 242 18.88 -4.93 5.07
CA TRP A 242 18.80 -3.92 6.14
C TRP A 242 17.35 -3.67 6.57
N CYS A 243 16.47 -3.44 5.60
CA CYS A 243 15.02 -3.38 5.92
C CYS A 243 14.52 -4.60 6.67
N LEU A 244 15.15 -5.76 6.43
CA LEU A 244 14.71 -7.01 7.06
C LEU A 244 15.62 -7.47 8.22
N ALA A 245 16.26 -6.50 8.88
CA ALA A 245 16.95 -6.79 10.14
C ALA A 245 15.93 -7.37 11.15
N LEU A 246 16.35 -8.44 11.83
CA LEU A 246 15.53 -9.10 12.82
C LEU A 246 15.19 -8.16 14.00
N ARG A 247 16.15 -7.46 14.55
CA ARG A 247 15.78 -6.50 15.60
C ARG A 247 15.10 -5.25 14.98
N PRO A 248 13.88 -4.90 15.43
CA PRO A 248 13.32 -3.57 14.93
C PRO A 248 14.27 -2.34 14.88
N SER A 249 15.03 -2.11 15.96
CA SER A 249 15.89 -0.92 16.03
C SER A 249 17.02 -1.00 14.99
N ASP A 250 17.34 -2.21 14.51
CA ASP A 250 18.37 -2.31 13.46
C ASP A 250 17.88 -1.95 12.04
N ARG A 251 16.57 -1.70 11.86
CA ARG A 251 15.98 -1.31 10.57
C ARG A 251 16.28 0.19 10.27
N PRO A 252 16.42 0.51 8.99
CA PRO A 252 16.61 1.91 8.57
C PRO A 252 15.33 2.73 8.77
N THR A 253 15.49 4.06 8.92
CA THR A 253 14.36 5.03 8.98
C THR A 253 14.06 5.31 7.48
N PHE A 254 12.98 6.05 7.17
CA PHE A 254 12.64 6.31 5.77
C PHE A 254 13.74 7.12 5.15
N GLU A 255 14.27 8.05 5.93
CA GLU A 255 15.36 8.87 5.45
C GLU A 255 16.62 8.06 5.13
N GLU A 256 16.99 7.10 5.96
CA GLU A 256 18.12 6.18 5.61
C GLU A 256 17.88 5.31 4.36
N ILE A 257 16.64 4.86 4.21
CA ILE A 257 16.26 4.11 2.98
C ILE A 257 16.45 5.02 1.76
N GLN A 258 15.85 6.21 1.82
CA GLN A 258 16.03 7.14 0.71
C GLN A 258 17.45 7.76 0.49
N ASN A 259 18.32 7.69 1.49
CA ASN A 259 19.72 8.13 1.32
C ASN A 259 20.65 6.97 0.98
N HIS A 260 20.08 5.76 0.94
CA HIS A 260 20.82 4.61 0.52
C HIS A 260 21.39 4.73 -0.94
N PRO A 261 22.64 4.29 -1.15
CA PRO A 261 23.22 4.33 -2.46
C PRO A 261 22.36 3.68 -3.54
N TRP A 262 21.66 2.57 -3.25
CA TRP A 262 20.87 1.95 -4.31
C TRP A 262 19.73 2.88 -4.75
N MET A 263 19.30 3.78 -3.84
CA MET A 263 18.20 4.70 -4.15
C MET A 263 18.54 5.98 -4.91
N GLN A 264 19.81 6.14 -5.34
CA GLN A 264 20.21 7.42 -6.00
C GLN A 264 19.79 7.49 -7.49
N ASP A 265 19.58 8.70 -8.03
CA ASP A 265 19.22 8.94 -9.44
C ASP A 265 17.96 8.18 -9.95
N VAL A 266 16.90 8.20 -9.14
CA VAL A 266 15.59 7.70 -9.58
C VAL A 266 15.10 8.45 -10.82
N LEU A 267 14.44 7.71 -11.71
CA LEU A 267 13.74 8.31 -12.82
C LEU A 267 12.51 9.00 -12.26
N LEU A 268 12.07 10.05 -12.96
CA LEU A 268 10.77 10.68 -12.79
C LEU A 268 9.63 9.75 -13.18
N PRO A 269 8.43 9.96 -12.61
CA PRO A 269 7.37 9.05 -12.99
C PRO A 269 7.19 9.00 -14.50
N GLN A 270 7.20 10.16 -15.16
CA GLN A 270 6.90 10.18 -16.57
C GLN A 270 8.00 9.48 -17.39
N GLU A 271 9.26 9.65 -17.04
CA GLU A 271 10.37 8.93 -17.68
C GLU A 271 10.18 7.43 -17.56
N THR A 272 9.64 7.04 -16.42
CA THR A 272 9.45 5.65 -16.06
C THR A 272 8.39 5.03 -16.99
N ALA A 273 7.35 5.79 -17.30
CA ALA A 273 6.28 5.18 -18.10
C ALA A 273 6.82 5.04 -19.54
N GLU A 274 7.59 6.03 -19.97
CA GLU A 274 8.18 6.05 -21.31
C GLU A 274 9.11 4.84 -21.54
N ILE A 275 10.19 4.72 -20.77
CA ILE A 275 11.12 3.60 -20.84
C ILE A 275 10.48 2.24 -20.52
N HIS A 276 9.51 2.18 -19.61
CA HIS A 276 9.13 0.87 -19.09
C HIS A 276 7.69 0.43 -19.23
N LEU A 277 6.80 1.38 -19.44
CA LEU A 277 5.41 0.99 -19.49
C LEU A 277 4.84 1.13 -20.91
N HIS A 278 5.59 1.76 -21.83
CA HIS A 278 5.15 1.95 -23.22
C HIS A 278 4.22 3.20 -23.25
N SER A 279 4.81 4.39 -23.29
CA SER A 279 4.02 5.64 -23.33
C SER A 279 4.18 6.49 -24.63
N1 IMD B . 3.48 -11.21 -6.73
C2 IMD B . 2.94 -11.20 -7.99
N3 IMD B . 3.19 -12.41 -8.57
C4 IMD B . 3.88 -13.19 -7.69
C5 IMD B . 4.05 -12.44 -6.53
C01 0FS C . -9.03 -2.35 -6.88
C02 0FS C . -8.76 -1.03 -8.80
C03 0FS C . -8.72 -2.30 -8.20
C04 0FS C . -9.08 0.13 -8.02
C05 0FS C . -9.36 -1.12 -6.06
C06 0FS C . -9.40 0.10 -6.64
C07 0FS C . -9.78 -0.99 -2.22
N08 0FS C . -9.48 0.15 -1.17
C09 0FS C . -9.05 1.28 -1.88
S10 0FS C . -9.08 0.99 -3.49
C11 0FS C . -9.55 -0.49 -3.57
C12 0FS C . -9.12 1.44 -8.70
C13 0FS C . -9.74 -1.31 -4.62
O14 0FS C . -10.15 -2.08 -1.89
O15 0FS C . -8.75 2.29 -1.30
F16 0FS C . -8.19 1.53 -9.66
F17 0FS C . -9.11 2.46 -7.82
F18 0FS C . -10.30 1.32 -9.32
N1 IMD D . -8.78 -4.13 -3.53
C2 IMD D . -7.96 -3.91 -2.46
N3 IMD D . -6.73 -4.40 -2.82
C4 IMD D . -6.81 -4.91 -4.10
C5 IMD D . -8.10 -4.75 -4.54
#